data_5Z6W
#
_entry.id   5Z6W
#
_cell.length_a   80.874
_cell.length_b   104.969
_cell.length_c   105.490
_cell.angle_alpha   90.00
_cell.angle_beta   90.00
_cell.angle_gamma   90.00
#
_symmetry.space_group_name_H-M   'P 21 21 21'
#
loop_
_entity.id
_entity.type
_entity.pdbx_description
1 polymer 'Fanconi-associated nuclease 1 homolog'
2 polymer "DNA (5'-D(P*GP*TP*TP*GP*GP*GP*AP*TP*TP*G)-3')"
3 polymer "DNA (5'-D(P*AP*TP*TP*CP*AP*A)-3')"
4 polymer "DNA (5'-D(P*GP*AP*AP*TP*GP*TP*GP*TP*CP*TP*CP*AP*AP*TP*CP*CP*CP*AP*AP*CP*TP*T)-3')"
5 non-polymer 'MANGANESE (II) ION'
6 water water
#
loop_
_entity_poly.entity_id
_entity_poly.type
_entity_poly.pdbx_seq_one_letter_code
_entity_poly.pdbx_strand_id
1 'polypeptide(L)'
;MGSSHHHHHHSSGLVPRGSHMMHEQYQAPLPVNSPALPEPFYYLHNFRAVLAWIGERYADLLDDQERAFIAAFAELPEAS
QALLVRMVMRKGTLFREGKLAYAEIGDTRAAVQPLLALGWVDAQPTLELAQLFGLLKKDELSQLFRDHLGRANLRKDALL
ERLQPLFPEARRLAEWQADFAEPVYELRCMALCDRLRLMYFGNLWQDWSEFVLADLGIYRYESVEFSADSRGFRLRADVD
AYLHLFDCRQRFDLGEPLEELLAGLPGEPYANPWLEGRRVKLLFQFAQHCEKQRDFDLAQRLYRQSSHPGARLRAIRSLE
RGERFAEAHALAREASCAPESDAERQGLARLLPRLQGKLGLPRQARAAAPEIDRLDLCLAFPSEPCSVEWAVREHLEEPG
CAVHYVENGLINSLFGLLCWEAIFAAIPGAFFHPFHSAPADLHSADFRQRRAALFEACLGRLEDGSYRDAIRCRYRDKFG
LQSPFVYWELLGEELLEQALDCLPAAHLRAWFERLLEDIPGNRAGLPDLIQFWPAQRRYRMVEVKGPGDRLQDNQLRWLQ
FCREREMPVAVCYVRWHVDD
;
A
2 'polydeoxyribonucleotide' (DG)(DT)(DT)(DG)(DG)(DG)(DA)(DT)(DT)(DG) H
3 'polydeoxyribonucleotide' (DT)(DT)(DC)(DA)(DC)(DA)(DC)(DA)(DT)(DT)(DC)(DA)(DA) B
4 'polydeoxyribonucleotide'
;(DG)(DA)(DA)(DT)(DG)(DT)(DG)(DT)(DG)(DT)(DC)(DT)(DC)(DA)(DA)(DT)(DC)(DC)(DC)(DA)
(DA)(DC)(DT)(DT)
;
C
#
loop_
_chem_comp.id
_chem_comp.type
_chem_comp.name
_chem_comp.formula
DA DNA linking 2'-DEOXYADENOSINE-5'-MONOPHOSPHATE 'C10 H14 N5 O6 P'
DC DNA linking 2'-DEOXYCYTIDINE-5'-MONOPHOSPHATE 'C9 H14 N3 O7 P'
DG DNA linking 2'-DEOXYGUANOSINE-5'-MONOPHOSPHATE 'C10 H14 N5 O7 P'
DT DNA linking THYMIDINE-5'-MONOPHOSPHATE 'C10 H15 N2 O8 P'
MN non-polymer 'MANGANESE (II) ION' 'Mn 2'
#
# COMPACT_ATOMS: atom_id res chain seq x y z
N PRO A 35 -20.81 7.36 -16.07
CA PRO A 35 -22.08 7.25 -16.78
C PRO A 35 -22.63 8.61 -17.15
N ALA A 36 -21.73 9.48 -17.61
CA ALA A 36 -21.99 10.84 -18.06
C ALA A 36 -22.17 11.79 -16.88
N LEU A 37 -21.12 12.68 -16.61
CA LEU A 37 -21.20 13.91 -15.82
C LEU A 37 -21.52 15.09 -16.73
N PRO A 38 -22.36 16.04 -16.27
CA PRO A 38 -23.05 16.93 -17.22
C PRO A 38 -22.15 17.74 -18.17
N GLU A 39 -20.94 18.15 -17.75
CA GLU A 39 -20.08 18.99 -18.57
C GLU A 39 -19.01 18.13 -19.22
N PRO A 40 -18.87 18.17 -20.54
CA PRO A 40 -17.96 17.23 -21.20
C PRO A 40 -16.50 17.51 -20.86
N PHE A 41 -16.21 18.64 -20.20
CA PHE A 41 -14.84 19.04 -19.91
C PHE A 41 -14.45 18.79 -18.46
N TYR A 42 -15.15 17.87 -17.79
CA TYR A 42 -15.00 17.62 -16.34
C TYR A 42 -13.54 17.48 -15.91
N TYR A 43 -12.73 16.77 -16.71
CA TYR A 43 -11.35 16.41 -16.33
C TYR A 43 -10.47 17.65 -16.25
N LEU A 44 -10.55 18.52 -17.25
CA LEU A 44 -9.79 19.76 -17.24
C LEU A 44 -10.24 20.70 -16.12
N HIS A 45 -11.54 20.74 -15.81
CA HIS A 45 -11.98 21.50 -14.64
C HIS A 45 -11.27 21.01 -13.37
N ASN A 46 -11.27 19.68 -13.13
CA ASN A 46 -10.54 19.11 -11.98
C ASN A 46 -9.07 19.56 -11.97
N PHE A 47 -8.42 19.49 -13.13
CA PHE A 47 -7.00 19.84 -13.20
C PHE A 47 -6.76 21.32 -12.88
N ARG A 48 -7.65 22.20 -13.32
CA ARG A 48 -7.50 23.63 -12.97
C ARG A 48 -7.64 23.82 -11.46
N ALA A 49 -8.54 23.05 -10.83
CA ALA A 49 -8.60 23.04 -9.38
C ALA A 49 -7.22 22.76 -8.78
N VAL A 50 -6.61 21.63 -9.17
CA VAL A 50 -5.29 21.27 -8.60
C VAL A 50 -4.30 22.41 -8.77
N LEU A 51 -4.20 22.97 -9.98
CA LEU A 51 -3.28 24.08 -10.23
C LEU A 51 -3.49 25.22 -9.23
N ALA A 52 -4.74 25.64 -9.02
CA ALA A 52 -4.96 26.78 -8.11
C ALA A 52 -4.59 26.41 -6.68
N TRP A 53 -4.98 25.21 -6.25
CA TRP A 53 -4.61 24.69 -4.94
C TRP A 53 -3.11 24.82 -4.70
N ILE A 54 -2.28 24.31 -5.63
CA ILE A 54 -0.84 24.42 -5.46
C ILE A 54 -0.41 25.88 -5.44
N GLY A 55 -1.08 26.70 -6.24
CA GLY A 55 -0.76 28.12 -6.27
C GLY A 55 -0.90 28.78 -4.92
N GLU A 56 -1.93 28.42 -4.16
CA GLU A 56 -2.10 29.13 -2.90
C GLU A 56 -1.49 28.41 -1.70
N ARG A 57 -1.27 27.10 -1.75
CA ARG A 57 -0.71 26.40 -0.60
C ARG A 57 0.81 26.30 -0.67
N TYR A 58 1.32 25.72 -1.76
CA TYR A 58 2.74 25.51 -1.96
C TYR A 58 3.37 26.70 -2.61
N ALA A 59 2.72 27.87 -2.48
CA ALA A 59 3.25 29.12 -2.99
C ALA A 59 4.75 29.21 -2.79
N ASP A 60 5.15 29.27 -1.53
CA ASP A 60 6.51 29.48 -1.05
C ASP A 60 7.46 28.33 -1.37
N LEU A 61 7.03 27.34 -2.13
CA LEU A 61 7.82 26.14 -2.37
C LEU A 61 8.17 25.97 -3.84
N LEU A 62 7.91 26.97 -4.66
CA LEU A 62 7.88 26.75 -6.09
C LEU A 62 9.09 27.34 -6.80
N ASP A 63 9.21 26.97 -8.07
CA ASP A 63 10.35 27.22 -8.94
C ASP A 63 10.09 28.40 -9.85
N ASP A 64 11.07 28.70 -10.70
CA ASP A 64 10.81 29.46 -11.91
C ASP A 64 10.14 28.56 -12.96
N GLN A 65 10.67 27.34 -13.12
CA GLN A 65 10.06 26.32 -13.97
C GLN A 65 8.58 26.13 -13.67
N GLU A 66 8.25 26.00 -12.38
CA GLU A 66 6.92 25.58 -11.98
C GLU A 66 5.89 26.71 -12.12
N ARG A 67 6.24 27.92 -11.66
CA ARG A 67 5.34 29.06 -11.86
C ARG A 67 5.16 29.37 -13.35
N ALA A 68 6.26 29.30 -14.11
CA ALA A 68 6.17 29.44 -15.57
C ALA A 68 5.16 28.46 -16.15
N PHE A 69 5.18 27.19 -15.69
CA PHE A 69 4.25 26.20 -16.22
C PHE A 69 2.80 26.58 -15.91
N ILE A 70 2.53 27.02 -14.67
CA ILE A 70 1.14 27.31 -14.31
C ILE A 70 0.60 28.49 -15.13
N ALA A 71 1.40 29.56 -15.24
CA ALA A 71 0.98 30.75 -16.01
C ALA A 71 0.77 30.39 -17.48
N ALA A 72 1.75 29.70 -18.07
CA ALA A 72 1.61 29.26 -19.46
C ALA A 72 0.32 28.46 -19.66
N PHE A 73 0.02 27.52 -18.76
CA PHE A 73 -1.18 26.70 -18.94
C PHE A 73 -2.44 27.58 -18.92
N ALA A 74 -2.46 28.61 -18.06
CA ALA A 74 -3.59 29.53 -18.10
C ALA A 74 -3.76 30.18 -19.46
N GLU A 75 -2.65 30.59 -20.13
CA GLU A 75 -2.76 31.33 -21.39
C GLU A 75 -3.47 30.52 -22.47
N LEU A 76 -3.08 29.28 -22.65
CA LEU A 76 -3.61 28.36 -23.65
C LEU A 76 -5.12 28.43 -23.83
N PRO A 77 -5.59 28.25 -25.06
CA PRO A 77 -7.03 28.08 -25.29
C PRO A 77 -7.57 26.79 -24.67
N GLU A 78 -8.89 26.74 -24.53
CA GLU A 78 -9.53 25.63 -23.82
C GLU A 78 -9.22 24.30 -24.48
N ALA A 79 -9.37 24.21 -25.80
CA ALA A 79 -9.20 22.93 -26.47
C ALA A 79 -7.80 22.37 -26.28
N SER A 80 -6.80 23.26 -26.18
CA SER A 80 -5.42 22.83 -26.03
C SER A 80 -5.09 22.43 -24.59
N GLN A 81 -5.56 23.22 -23.62
CA GLN A 81 -5.55 22.78 -22.23
C GLN A 81 -6.11 21.37 -22.10
N ALA A 82 -7.35 21.17 -22.57
CA ALA A 82 -7.98 19.87 -22.50
C ALA A 82 -7.09 18.79 -23.09
N LEU A 83 -6.56 19.02 -24.30
CA LEU A 83 -5.71 18.00 -24.92
C LEU A 83 -4.52 17.63 -24.02
N LEU A 84 -3.79 18.66 -23.56
CA LEU A 84 -2.67 18.41 -22.64
C LEU A 84 -3.10 17.51 -21.49
N VAL A 85 -4.26 17.80 -20.89
CA VAL A 85 -4.69 16.98 -19.77
C VAL A 85 -4.92 15.55 -20.23
N ARG A 86 -5.56 15.36 -21.38
CA ARG A 86 -5.81 14.00 -21.81
C ARG A 86 -4.52 13.19 -21.93
N MET A 87 -3.44 13.79 -22.42
CA MET A 87 -2.25 12.96 -22.50
C MET A 87 -1.58 12.79 -21.14
N VAL A 88 -1.66 13.80 -20.27
CA VAL A 88 -1.13 13.62 -18.93
C VAL A 88 -1.80 12.43 -18.22
N MET A 89 -3.11 12.31 -18.32
CA MET A 89 -3.85 11.25 -17.65
C MET A 89 -3.65 9.88 -18.27
N ARG A 90 -3.01 9.77 -19.43
CA ARG A 90 -3.00 8.49 -20.13
C ARG A 90 -1.67 7.81 -19.92
N LYS A 91 -1.67 6.49 -20.11
CA LYS A 91 -0.56 5.66 -19.67
C LYS A 91 0.73 6.04 -20.37
N GLY A 92 0.72 6.12 -21.69
CA GLY A 92 1.95 6.34 -22.42
C GLY A 92 2.60 7.67 -22.09
N THR A 93 3.79 7.87 -22.68
CA THR A 93 4.23 9.21 -22.96
C THR A 93 4.17 9.58 -24.44
N LEU A 94 4.02 8.59 -25.34
CA LEU A 94 3.90 8.80 -26.77
C LEU A 94 2.46 8.56 -27.22
N PHE A 95 2.03 9.26 -28.27
CA PHE A 95 0.65 9.14 -28.74
C PHE A 95 0.54 9.35 -30.24
N ARG A 96 0.01 8.34 -30.94
CA ARG A 96 -0.42 8.50 -32.32
C ARG A 96 -1.61 9.44 -32.38
N GLU A 97 -1.62 10.33 -33.39
CA GLU A 97 -2.70 11.31 -33.50
C GLU A 97 -4.08 10.67 -33.57
N GLY A 98 -4.16 9.44 -34.08
CA GLY A 98 -5.46 8.80 -34.23
C GLY A 98 -6.08 8.44 -32.89
N LYS A 99 -5.27 8.05 -31.92
CA LYS A 99 -5.80 7.68 -30.62
C LYS A 99 -6.33 8.90 -29.86
N LEU A 100 -5.81 10.10 -30.16
CA LEU A 100 -6.29 11.36 -29.58
C LEU A 100 -7.53 11.85 -30.32
N ALA A 101 -8.63 11.14 -30.10
CA ALA A 101 -9.92 11.47 -30.68
C ALA A 101 -10.84 11.88 -29.54
N TYR A 102 -11.21 13.16 -29.49
CA TYR A 102 -12.19 13.64 -28.52
C TYR A 102 -13.09 14.66 -29.19
N ALA A 103 -14.40 14.56 -28.90
CA ALA A 103 -15.35 15.50 -29.49
C ALA A 103 -15.28 16.89 -28.86
N GLU A 104 -15.02 16.97 -27.56
CA GLU A 104 -14.93 18.28 -26.89
C GLU A 104 -13.72 19.06 -27.40
N ILE A 105 -12.68 18.36 -27.80
CA ILE A 105 -11.48 18.99 -28.34
C ILE A 105 -11.61 19.21 -29.83
N GLY A 106 -12.10 18.19 -30.54
CA GLY A 106 -12.45 18.33 -31.93
C GLY A 106 -11.33 17.98 -32.89
N ASP A 107 -10.49 18.96 -33.20
CA ASP A 107 -9.37 18.74 -34.10
C ASP A 107 -8.11 18.63 -33.27
N THR A 108 -7.50 17.45 -33.33
CA THR A 108 -6.29 17.21 -32.54
C THR A 108 -5.16 18.09 -33.00
N ARG A 109 -5.00 18.25 -34.31
CA ARG A 109 -3.83 18.97 -34.82
C ARG A 109 -3.95 20.47 -34.54
N ALA A 110 -5.13 21.04 -34.77
CA ALA A 110 -5.36 22.42 -34.38
C ALA A 110 -5.15 22.64 -32.90
N ALA A 111 -5.43 21.61 -32.08
CA ALA A 111 -5.37 21.79 -30.64
C ALA A 111 -3.95 21.66 -30.10
N VAL A 112 -3.09 20.87 -30.78
CA VAL A 112 -1.76 20.60 -30.26
C VAL A 112 -0.73 21.66 -30.63
N GLN A 113 -1.07 22.56 -31.55
CA GLN A 113 -0.09 23.57 -31.97
C GLN A 113 0.41 24.46 -30.84
N PRO A 114 -0.45 25.05 -29.99
CA PRO A 114 0.10 25.90 -28.92
C PRO A 114 1.13 25.18 -28.07
N LEU A 115 0.88 23.88 -27.83
CA LEU A 115 1.72 23.08 -26.95
C LEU A 115 3.04 22.69 -27.63
N LEU A 116 3.00 22.30 -28.91
CA LEU A 116 4.23 22.14 -29.68
C LEU A 116 5.09 23.39 -29.62
N ALA A 117 4.47 24.56 -29.82
CA ALA A 117 5.16 25.84 -29.69
C ALA A 117 5.84 25.99 -28.34
N LEU A 118 5.15 25.55 -27.29
CA LEU A 118 5.67 25.73 -25.94
C LEU A 118 6.82 24.78 -25.59
N GLY A 119 7.10 23.77 -26.41
CA GLY A 119 8.13 22.80 -26.06
C GLY A 119 7.65 21.73 -25.11
N TRP A 120 6.36 21.71 -24.81
CA TRP A 120 5.75 20.72 -23.93
C TRP A 120 5.30 19.48 -24.66
N VAL A 121 5.18 19.55 -25.98
CA VAL A 121 4.96 18.38 -26.80
C VAL A 121 5.97 18.48 -27.95
N ASP A 122 6.14 17.36 -28.63
CA ASP A 122 7.29 17.11 -29.46
C ASP A 122 6.73 16.29 -30.61
N ALA A 123 6.49 16.93 -31.76
CA ALA A 123 6.38 16.08 -32.94
C ALA A 123 7.79 15.71 -33.39
N GLN A 124 7.87 14.69 -34.24
CA GLN A 124 9.12 14.02 -34.60
C GLN A 124 10.08 13.84 -33.38
N PRO A 125 9.65 13.10 -32.37
CA PRO A 125 10.60 12.68 -31.34
C PRO A 125 11.46 11.54 -31.85
N THR A 126 12.56 11.30 -31.15
CA THR A 126 13.53 10.29 -31.56
C THR A 126 13.23 9.01 -30.76
N LEU A 127 12.97 7.92 -31.49
CA LEU A 127 12.34 6.73 -30.92
C LEU A 127 13.29 5.54 -30.88
N GLU A 128 13.46 4.95 -29.68
CA GLU A 128 14.07 3.64 -29.56
C GLU A 128 13.15 2.59 -30.16
N LEU A 129 13.73 1.45 -30.56
CA LEU A 129 12.95 0.49 -31.33
C LEU A 129 11.85 -0.16 -30.51
N ALA A 130 12.07 -0.32 -29.19
CA ALA A 130 10.98 -0.77 -28.32
C ALA A 130 9.80 0.19 -28.38
N GLN A 131 10.07 1.50 -28.25
CA GLN A 131 9.03 2.53 -28.27
C GLN A 131 8.24 2.50 -29.58
N LEU A 132 8.94 2.39 -30.69
CA LEU A 132 8.27 2.23 -31.97
C LEU A 132 7.38 0.98 -31.98
N PHE A 133 7.86 -0.13 -31.41
CA PHE A 133 6.96 -1.28 -31.33
C PHE A 133 5.75 -0.99 -30.46
N GLY A 134 5.86 -0.02 -29.54
CA GLY A 134 4.71 0.36 -28.73
C GLY A 134 3.68 1.15 -29.51
N LEU A 135 4.11 1.98 -30.46
CA LEU A 135 3.12 2.79 -31.15
C LEU A 135 2.43 2.06 -32.31
N LEU A 136 3.18 1.33 -33.13
CA LEU A 136 2.63 0.70 -34.32
C LEU A 136 2.04 -0.67 -34.05
N LYS A 137 1.22 -1.14 -34.99
CA LYS A 137 0.63 -2.47 -34.89
C LYS A 137 1.59 -3.55 -35.40
N LYS A 138 1.24 -4.81 -35.13
CA LYS A 138 2.11 -5.93 -35.53
C LYS A 138 2.17 -6.05 -37.03
N ASP A 139 1.04 -5.93 -37.71
CA ASP A 139 1.05 -6.02 -39.17
C ASP A 139 1.87 -4.92 -39.80
N GLU A 140 1.64 -3.67 -39.37
CA GLU A 140 2.46 -2.56 -39.86
C GLU A 140 3.96 -2.87 -39.73
N LEU A 141 4.35 -3.59 -38.67
CA LEU A 141 5.75 -3.86 -38.41
C LEU A 141 6.29 -5.06 -39.16
N SER A 142 5.43 -6.07 -39.41
CA SER A 142 5.82 -7.15 -40.30
C SER A 142 6.03 -6.63 -41.71
N GLN A 143 5.13 -5.75 -42.16
CA GLN A 143 5.33 -4.99 -43.39
C GLN A 143 6.68 -4.30 -43.39
N LEU A 144 6.91 -3.42 -42.40
CA LEU A 144 8.04 -2.51 -42.47
C LEU A 144 9.38 -3.25 -42.43
N PHE A 145 9.47 -4.30 -41.63
CA PHE A 145 10.69 -5.10 -41.57
C PHE A 145 10.57 -6.40 -42.35
N ARG A 146 9.84 -6.37 -43.47
CA ARG A 146 9.68 -7.56 -44.28
C ARG A 146 11.03 -8.11 -44.71
N ASP A 147 11.98 -7.21 -44.99
CA ASP A 147 13.23 -7.60 -45.63
C ASP A 147 14.25 -8.16 -44.62
N HIS A 148 14.27 -7.67 -43.39
CA HIS A 148 15.20 -8.21 -42.40
C HIS A 148 14.60 -9.36 -41.61
N LEU A 149 13.39 -9.81 -41.96
CA LEU A 149 12.70 -10.88 -41.24
C LEU A 149 12.02 -11.83 -42.21
N GLY A 150 12.30 -13.11 -42.06
CA GLY A 150 11.61 -14.14 -42.79
C GLY A 150 11.47 -15.40 -41.97
N ARG A 151 11.96 -15.37 -40.72
CA ARG A 151 11.99 -16.54 -39.86
C ARG A 151 10.61 -17.21 -39.83
N ALA A 152 9.70 -16.63 -39.06
CA ALA A 152 8.31 -17.05 -39.05
C ALA A 152 7.52 -15.95 -38.37
N ASN A 153 6.23 -15.85 -38.72
CA ASN A 153 5.34 -14.95 -38.00
C ASN A 153 5.06 -15.56 -36.64
N LEU A 154 5.65 -14.94 -35.62
CA LEU A 154 5.56 -15.33 -34.24
C LEU A 154 5.13 -14.12 -33.44
N ARG A 155 4.90 -14.36 -32.14
CA ARG A 155 4.51 -13.33 -31.20
C ARG A 155 5.35 -12.08 -31.40
N LYS A 156 4.80 -10.93 -30.97
CA LYS A 156 5.40 -9.64 -31.31
C LYS A 156 6.65 -9.36 -30.46
N ASP A 157 6.60 -9.65 -29.16
CA ASP A 157 7.74 -9.43 -28.27
C ASP A 157 8.98 -10.16 -28.75
N ALA A 158 8.80 -11.37 -29.30
CA ALA A 158 9.92 -12.15 -29.82
C ALA A 158 10.51 -11.49 -31.05
N LEU A 159 9.66 -10.89 -31.88
CA LEU A 159 10.15 -10.10 -33.00
C LEU A 159 11.03 -8.97 -32.50
N LEU A 160 10.59 -8.26 -31.47
CA LEU A 160 11.43 -7.23 -30.88
C LEU A 160 12.78 -7.81 -30.44
N GLU A 161 12.75 -8.97 -29.75
CA GLU A 161 14.00 -9.58 -29.30
C GLU A 161 14.92 -9.87 -30.48
N ARG A 162 14.34 -10.36 -31.58
CA ARG A 162 15.13 -10.70 -32.77
C ARG A 162 15.71 -9.45 -33.43
N LEU A 163 15.04 -8.29 -33.30
CA LEU A 163 15.39 -7.10 -34.05
C LEU A 163 16.22 -6.05 -33.29
N GLN A 164 16.19 -6.03 -31.95
CA GLN A 164 16.99 -5.04 -31.24
C GLN A 164 18.49 -5.18 -31.52
N PRO A 165 19.08 -6.39 -31.58
CA PRO A 165 20.42 -6.53 -32.17
C PRO A 165 20.63 -5.76 -33.47
N LEU A 166 19.68 -5.82 -34.42
CA LEU A 166 19.92 -5.31 -35.76
C LEU A 166 19.92 -3.78 -35.79
N PHE A 167 18.91 -3.15 -35.20
CA PHE A 167 18.74 -1.69 -35.21
C PHE A 167 19.02 -1.13 -33.82
N PRO A 168 20.27 -0.86 -33.47
CA PRO A 168 20.57 -0.42 -32.10
C PRO A 168 20.28 1.05 -31.87
N GLU A 169 20.35 1.85 -32.93
CA GLU A 169 20.21 3.29 -32.84
C GLU A 169 18.74 3.68 -32.92
N ALA A 170 18.40 4.77 -32.24
CA ALA A 170 17.07 5.33 -32.39
C ALA A 170 17.04 6.26 -33.61
N ARG A 171 15.83 6.59 -34.03
CA ARG A 171 15.63 7.45 -35.20
C ARG A 171 14.36 8.25 -34.97
N ARG A 172 14.22 9.34 -35.74
CA ARG A 172 12.90 9.95 -35.86
C ARG A 172 11.94 8.96 -36.51
N LEU A 173 10.64 9.29 -36.49
CA LEU A 173 9.66 8.39 -37.10
C LEU A 173 9.79 8.33 -38.61
N ALA A 174 10.15 9.43 -39.27
CA ALA A 174 10.32 9.37 -40.71
C ALA A 174 11.57 8.56 -41.08
N GLU A 175 12.56 8.48 -40.19
CA GLU A 175 13.76 7.71 -40.48
C GLU A 175 13.52 6.20 -40.37
N TRP A 176 12.44 5.77 -39.71
CA TRP A 176 11.96 4.39 -39.75
C TRP A 176 11.13 4.12 -41.00
N GLN A 177 9.94 4.71 -41.08
CA GLN A 177 9.24 4.73 -42.34
C GLN A 177 8.59 6.09 -42.60
N ALA A 178 8.83 6.64 -43.79
CA ALA A 178 8.29 7.93 -44.22
C ALA A 178 7.01 7.82 -45.05
N ASP A 179 6.53 6.60 -45.37
CA ASP A 179 5.20 6.42 -45.92
C ASP A 179 4.15 6.16 -44.84
N PHE A 180 4.52 6.31 -43.56
CA PHE A 180 3.58 6.14 -42.47
C PHE A 180 2.70 7.38 -42.34
N ALA A 181 1.40 7.18 -42.56
CA ALA A 181 0.43 8.26 -42.53
C ALA A 181 -0.20 8.34 -41.14
N GLU A 182 0.54 8.97 -40.19
CA GLU A 182 0.02 9.42 -38.89
C GLU A 182 1.12 10.01 -38.01
N PRO A 183 1.05 11.30 -37.68
CA PRO A 183 2.03 11.90 -36.77
C PRO A 183 1.96 11.29 -35.37
N VAL A 184 3.00 11.55 -34.60
CA VAL A 184 3.15 10.95 -33.29
C VAL A 184 3.77 11.96 -32.35
N TYR A 185 3.13 12.20 -31.20
CA TYR A 185 3.50 13.27 -30.28
C TYR A 185 4.11 12.70 -29.00
N GLU A 186 5.15 13.36 -28.47
CA GLU A 186 5.78 12.98 -27.20
C GLU A 186 5.59 14.09 -26.17
N LEU A 187 4.86 13.79 -25.10
CA LEU A 187 4.77 14.68 -23.95
C LEU A 187 6.12 14.79 -23.25
N ARG A 188 6.60 16.02 -23.04
CA ARG A 188 7.93 16.21 -22.46
C ARG A 188 7.89 17.02 -21.16
N CYS A 189 6.71 17.14 -20.55
CA CYS A 189 6.60 17.80 -19.27
C CYS A 189 6.03 16.88 -18.19
N MET A 190 6.19 15.56 -18.35
CA MET A 190 5.56 14.66 -17.39
C MET A 190 6.24 14.70 -16.03
N ALA A 191 7.50 15.10 -15.98
CA ALA A 191 8.18 15.14 -14.70
C ALA A 191 7.67 16.29 -13.86
N LEU A 192 7.39 17.42 -14.51
CA LEU A 192 6.88 18.58 -13.80
C LEU A 192 5.47 18.31 -13.29
N CYS A 193 4.66 17.64 -14.11
CA CYS A 193 3.33 17.23 -13.69
C CYS A 193 3.37 16.24 -12.54
N ASP A 194 4.26 15.26 -12.61
CA ASP A 194 4.40 14.35 -11.48
C ASP A 194 4.78 15.09 -10.21
N ARG A 195 5.69 16.07 -10.34
CA ARG A 195 6.01 16.89 -9.18
C ARG A 195 4.77 17.55 -8.60
N LEU A 196 3.87 18.03 -9.47
CA LEU A 196 2.65 18.71 -8.99
C LEU A 196 1.70 17.73 -8.32
N ARG A 197 1.48 16.57 -8.96
CA ARG A 197 0.64 15.55 -8.36
C ARG A 197 1.18 15.13 -7.00
N LEU A 198 2.50 15.02 -6.90
CA LEU A 198 3.11 14.69 -5.62
C LEU A 198 2.79 15.77 -4.60
N MET A 199 3.00 17.02 -4.99
CA MET A 199 2.75 18.11 -4.06
C MET A 199 1.31 18.10 -3.57
N TYR A 200 0.36 17.89 -4.48
CA TYR A 200 -1.04 17.89 -4.06
C TYR A 200 -1.31 16.77 -3.07
N PHE A 201 -1.06 15.50 -3.47
CA PHE A 201 -1.52 14.36 -2.70
C PHE A 201 -0.63 14.00 -1.52
N GLY A 202 0.62 14.47 -1.53
CA GLY A 202 1.59 13.95 -0.60
C GLY A 202 2.13 12.59 -0.97
N ASN A 203 1.67 11.99 -2.07
CA ASN A 203 2.24 10.73 -2.51
C ASN A 203 2.17 10.67 -4.03
N LEU A 204 2.58 9.53 -4.59
CA LEU A 204 2.65 9.38 -6.04
C LEU A 204 1.89 8.15 -6.51
N TRP A 205 1.02 7.61 -5.69
CA TRP A 205 0.20 6.50 -6.16
C TRP A 205 -1.21 6.94 -6.52
N GLN A 206 -1.70 8.02 -5.91
CA GLN A 206 -3.05 8.47 -6.20
C GLN A 206 -3.06 9.20 -7.52
N ASP A 207 -3.99 8.82 -8.39
CA ASP A 207 -4.04 9.42 -9.72
C ASP A 207 -4.95 10.63 -9.71
N TRP A 208 -5.20 11.17 -10.90
CA TRP A 208 -6.10 12.30 -11.01
C TRP A 208 -7.56 11.87 -11.04
N SER A 209 -7.83 10.62 -11.44
CA SER A 209 -9.19 10.10 -11.46
C SER A 209 -9.82 10.08 -10.06
N GLU A 210 -9.00 10.19 -9.01
CA GLU A 210 -9.52 10.44 -7.68
C GLU A 210 -10.60 11.50 -7.69
N PHE A 211 -10.49 12.47 -8.61
CA PHE A 211 -11.48 13.54 -8.64
C PHE A 211 -12.80 13.08 -9.22
N VAL A 212 -12.74 12.32 -10.31
CA VAL A 212 -13.97 11.90 -10.96
C VAL A 212 -14.56 10.69 -10.24
N LEU A 213 -13.72 9.76 -9.82
CA LEU A 213 -14.20 8.60 -9.07
C LEU A 213 -14.93 9.00 -7.79
N ALA A 214 -14.51 10.09 -7.14
CA ALA A 214 -15.18 10.50 -5.93
C ALA A 214 -16.47 11.26 -6.20
N ASP A 215 -16.64 11.81 -7.43
CA ASP A 215 -17.85 12.56 -7.77
C ASP A 215 -18.92 11.67 -8.39
N LEU A 216 -18.54 10.49 -8.86
CA LEU A 216 -19.48 9.44 -9.18
C LEU A 216 -19.88 8.64 -7.96
N GLY A 217 -19.29 8.93 -6.81
CA GLY A 217 -19.65 8.20 -5.62
C GLY A 217 -19.11 6.80 -5.59
N ILE A 218 -18.01 6.56 -6.30
CA ILE A 218 -17.39 5.24 -6.30
C ILE A 218 -16.36 5.11 -5.18
N TYR A 219 -15.43 6.05 -5.10
CA TYR A 219 -14.73 6.29 -3.86
C TYR A 219 -15.57 7.28 -3.10
N ARG A 220 -15.59 7.13 -1.78
CA ARG A 220 -16.36 8.05 -0.94
C ARG A 220 -15.49 8.29 0.28
N TYR A 221 -14.85 9.45 0.34
CA TYR A 221 -14.00 9.74 1.46
C TYR A 221 -14.75 10.57 2.48
N GLU A 222 -14.22 10.59 3.69
CA GLU A 222 -14.75 11.47 4.73
C GLU A 222 -14.18 12.86 4.54
N SER A 223 -15.03 13.88 4.71
CA SER A 223 -14.61 15.27 4.59
C SER A 223 -14.22 15.80 5.95
N VAL A 224 -13.03 16.39 6.01
CA VAL A 224 -12.49 17.01 7.21
C VAL A 224 -12.22 18.48 6.91
N GLU A 225 -12.59 19.35 7.86
CA GLU A 225 -12.15 20.73 7.77
C GLU A 225 -10.72 20.74 8.31
N PHE A 226 -9.75 20.83 7.39
CA PHE A 226 -8.36 21.06 7.75
C PHE A 226 -8.07 22.56 7.66
N SER A 227 -6.79 22.94 7.76
CA SER A 227 -6.40 24.35 7.80
C SER A 227 -6.33 24.94 6.40
N ALA A 228 -6.49 26.27 6.34
CA ALA A 228 -6.41 26.94 5.04
C ALA A 228 -5.01 26.86 4.45
N ASP A 229 -3.99 26.56 5.26
CA ASP A 229 -2.63 26.35 4.76
C ASP A 229 -2.05 25.04 5.29
N SER A 230 -2.83 23.97 5.23
CA SER A 230 -2.31 22.64 5.48
C SER A 230 -1.71 22.08 4.20
N ARG A 231 -0.65 21.29 4.35
CA ARG A 231 0.09 20.88 3.17
C ARG A 231 0.91 19.62 3.48
N GLY A 232 1.18 18.86 2.42
CA GLY A 232 1.92 17.62 2.58
C GLY A 232 3.40 17.81 2.81
N PHE A 233 3.97 18.90 2.33
CA PHE A 233 5.42 19.04 2.25
C PHE A 233 5.83 20.42 2.70
N ARG A 234 6.58 20.49 3.79
CA ARG A 234 6.95 21.81 4.28
C ARG A 234 8.13 22.38 3.47
N LEU A 235 9.24 21.67 3.39
CA LEU A 235 10.40 22.18 2.65
C LEU A 235 10.45 21.66 1.23
N ARG A 236 10.96 22.49 0.33
CA ARG A 236 11.09 22.02 -1.04
C ARG A 236 12.05 20.85 -1.13
N ALA A 237 13.18 20.91 -0.41
CA ALA A 237 14.17 19.84 -0.50
C ALA A 237 13.61 18.51 -0.06
N ASP A 238 12.56 18.52 0.79
CA ASP A 238 11.79 17.31 1.10
C ASP A 238 11.25 16.67 -0.18
N VAL A 239 10.39 17.41 -0.90
CA VAL A 239 9.90 16.96 -2.20
C VAL A 239 11.05 16.48 -3.09
N ASP A 240 12.13 17.30 -3.20
CA ASP A 240 13.30 16.85 -3.95
C ASP A 240 13.70 15.44 -3.53
N ALA A 241 13.63 15.17 -2.23
CA ALA A 241 14.11 13.89 -1.70
C ALA A 241 13.10 12.77 -1.93
N TYR A 242 11.79 13.06 -1.83
CA TYR A 242 10.79 12.03 -2.13
C TYR A 242 10.94 11.57 -3.57
N LEU A 243 11.17 12.51 -4.49
CA LEU A 243 11.42 12.07 -5.86
C LEU A 243 12.70 11.25 -5.93
N HIS A 244 13.77 11.71 -5.28
CA HIS A 244 15.00 10.94 -5.33
C HIS A 244 14.76 9.50 -4.87
N LEU A 245 14.09 9.32 -3.73
CA LEU A 245 13.87 7.98 -3.22
C LEU A 245 13.06 7.16 -4.19
N PHE A 246 12.00 7.75 -4.73
CA PHE A 246 11.12 7.05 -5.65
C PHE A 246 11.90 6.57 -6.85
N ASP A 247 12.62 7.49 -7.49
CA ASP A 247 13.55 7.15 -8.56
C ASP A 247 14.42 5.94 -8.19
N CYS A 248 14.98 5.92 -6.97
CA CYS A 248 15.82 4.80 -6.58
C CYS A 248 15.06 3.48 -6.55
N ARG A 249 13.84 3.50 -6.01
CA ARG A 249 13.00 2.30 -6.02
C ARG A 249 12.75 1.82 -7.44
N GLN A 250 12.44 2.74 -8.35
CA GLN A 250 12.18 2.37 -9.73
C GLN A 250 13.39 1.70 -10.38
N ARG A 251 14.51 2.43 -10.47
CA ARG A 251 15.72 1.84 -11.05
C ARG A 251 16.03 0.48 -10.42
N PHE A 252 15.77 0.32 -9.12
CA PHE A 252 15.97 -0.98 -8.49
C PHE A 252 15.08 -2.04 -9.13
N ASP A 253 13.79 -1.73 -9.34
CA ASP A 253 12.87 -2.73 -9.87
C ASP A 253 13.15 -3.10 -11.33
N LEU A 254 14.05 -2.37 -12.02
CA LEU A 254 14.44 -2.66 -13.39
C LEU A 254 15.86 -3.26 -13.48
N GLY A 255 16.39 -3.76 -12.35
CA GLY A 255 17.54 -4.64 -12.37
C GLY A 255 18.89 -4.00 -12.15
N GLU A 256 18.92 -2.74 -11.73
CA GLU A 256 20.19 -2.03 -11.59
C GLU A 256 21.00 -2.59 -10.41
N PRO A 257 22.33 -2.66 -10.52
CA PRO A 257 23.12 -3.21 -9.41
C PRO A 257 23.19 -2.25 -8.23
N LEU A 258 23.18 -2.81 -7.04
CA LEU A 258 23.18 -1.95 -5.85
C LEU A 258 24.40 -1.07 -5.78
N GLU A 259 25.52 -1.48 -6.41
CA GLU A 259 26.77 -0.78 -6.11
C GLU A 259 26.65 0.72 -6.40
N GLU A 260 25.90 1.08 -7.44
CA GLU A 260 25.73 2.49 -7.77
C GLU A 260 24.49 3.09 -7.13
N LEU A 261 23.44 2.28 -6.95
CA LEU A 261 22.27 2.71 -6.20
C LEU A 261 22.65 3.17 -4.79
N LEU A 262 23.43 2.34 -4.08
CA LEU A 262 23.85 2.65 -2.72
C LEU A 262 24.66 3.94 -2.66
N ALA A 263 25.60 4.11 -3.61
CA ALA A 263 26.31 5.37 -3.76
C ALA A 263 25.34 6.54 -3.90
N GLY A 264 24.24 6.33 -4.66
CA GLY A 264 23.28 7.41 -4.92
C GLY A 264 22.42 7.81 -3.74
N LEU A 265 22.15 6.87 -2.82
CA LEU A 265 21.37 7.17 -1.63
C LEU A 265 22.20 8.00 -0.64
N PRO A 266 21.54 8.72 0.26
CA PRO A 266 22.29 9.36 1.35
C PRO A 266 22.67 8.31 2.40
N GLY A 267 23.95 8.31 2.77
CA GLY A 267 24.37 7.49 3.90
C GLY A 267 23.94 8.06 5.23
N GLU A 268 23.67 9.39 5.28
CA GLU A 268 23.22 10.13 6.45
C GLU A 268 21.68 10.15 6.50
N PRO A 269 21.07 9.99 7.68
CA PRO A 269 19.61 10.01 7.77
C PRO A 269 19.02 11.36 7.35
N TYR A 270 17.71 11.38 7.22
CA TYR A 270 16.97 12.60 6.91
C TYR A 270 16.42 13.21 8.20
N ALA A 271 16.29 14.53 8.22
CA ALA A 271 15.68 15.17 9.38
C ALA A 271 14.17 14.98 9.42
N ASN A 272 13.51 14.83 8.26
CA ASN A 272 12.06 14.62 8.26
C ASN A 272 11.77 13.23 8.78
N PRO A 273 10.76 13.08 9.65
CA PRO A 273 10.49 11.74 10.18
C PRO A 273 9.86 10.82 9.15
N TRP A 274 8.74 11.24 8.56
CA TRP A 274 8.03 10.40 7.60
C TRP A 274 8.91 10.10 6.39
N LEU A 275 9.67 11.10 5.93
CA LEU A 275 10.60 10.92 4.81
C LEU A 275 11.80 10.06 5.15
N GLU A 276 12.20 9.96 6.41
CA GLU A 276 13.20 8.97 6.76
C GLU A 276 12.59 7.58 6.80
N GLY A 277 11.30 7.50 7.15
CA GLY A 277 10.59 6.24 7.02
C GLY A 277 10.70 5.64 5.63
N ARG A 278 10.43 6.46 4.61
CA ARG A 278 10.48 5.91 3.25
C ARG A 278 11.89 5.44 2.85
N ARG A 279 12.93 6.15 3.27
CA ARG A 279 14.29 5.72 2.96
C ARG A 279 14.58 4.38 3.61
N VAL A 280 14.33 4.31 4.91
CA VAL A 280 14.67 3.14 5.71
C VAL A 280 13.99 1.90 5.17
N LYS A 281 12.73 2.04 4.73
CA LYS A 281 12.09 0.93 4.04
C LYS A 281 12.87 0.53 2.79
N LEU A 282 13.28 1.51 1.98
CA LEU A 282 14.04 1.18 0.78
C LEU A 282 15.27 0.33 1.11
N LEU A 283 16.10 0.80 2.03
CA LEU A 283 17.26 0.00 2.43
C LEU A 283 16.86 -1.42 2.80
N PHE A 284 15.77 -1.57 3.56
CA PHE A 284 15.24 -2.89 3.93
C PHE A 284 15.07 -3.78 2.70
N GLN A 285 14.36 -3.29 1.68
CA GLN A 285 14.12 -4.14 0.52
C GLN A 285 15.42 -4.47 -0.20
N PHE A 286 16.31 -3.47 -0.37
CA PHE A 286 17.64 -3.75 -0.87
C PHE A 286 18.25 -4.96 -0.17
N ALA A 287 18.05 -5.02 1.14
CA ALA A 287 18.69 -6.09 1.89
C ALA A 287 17.96 -7.41 1.69
N GLN A 288 16.63 -7.38 1.50
CA GLN A 288 15.94 -8.62 1.17
C GLN A 288 16.45 -9.20 -0.14
N HIS A 289 16.47 -8.36 -1.19
CA HIS A 289 17.15 -8.77 -2.40
C HIS A 289 18.52 -9.36 -2.10
N CYS A 290 19.30 -8.68 -1.26
CA CYS A 290 20.66 -9.15 -0.97
C CYS A 290 20.65 -10.54 -0.39
N GLU A 291 19.64 -10.86 0.41
CA GLU A 291 19.63 -12.17 1.06
C GLU A 291 19.27 -13.27 0.08
N LYS A 292 18.38 -12.99 -0.89
CA LYS A 292 18.12 -13.94 -1.96
C LYS A 292 19.40 -14.37 -2.67
N GLN A 293 20.21 -13.39 -3.12
CA GLN A 293 21.43 -13.71 -3.87
C GLN A 293 22.49 -14.39 -3.01
N ARG A 294 22.20 -14.54 -1.72
CA ARG A 294 23.09 -15.19 -0.77
C ARG A 294 24.43 -14.46 -0.64
N ASP A 295 24.40 -13.13 -0.75
CA ASP A 295 25.50 -12.27 -0.29
C ASP A 295 25.06 -11.72 1.07
N PHE A 296 25.38 -12.49 2.13
CA PHE A 296 24.84 -12.24 3.45
C PHE A 296 25.50 -11.07 4.16
N ASP A 297 26.76 -10.80 3.86
CA ASP A 297 27.45 -9.79 4.65
C ASP A 297 26.97 -8.39 4.27
N LEU A 298 26.74 -8.15 2.99
CA LEU A 298 26.14 -6.88 2.57
C LEU A 298 24.72 -6.74 3.10
N ALA A 299 24.02 -7.86 3.27
CA ALA A 299 22.66 -7.78 3.82
C ALA A 299 22.70 -7.39 5.29
N GLN A 300 23.60 -8.00 6.06
CA GLN A 300 23.80 -7.56 7.43
C GLN A 300 24.06 -6.06 7.48
N ARG A 301 25.00 -5.57 6.65
CA ARG A 301 25.32 -4.14 6.66
C ARG A 301 24.06 -3.30 6.42
N LEU A 302 23.37 -3.57 5.31
CA LEU A 302 22.21 -2.77 4.94
C LEU A 302 21.11 -2.83 5.99
N TYR A 303 20.78 -4.03 6.46
CA TYR A 303 19.79 -4.13 7.53
C TYR A 303 20.17 -3.27 8.73
N ARG A 304 21.45 -3.32 9.14
CA ARG A 304 21.85 -2.60 10.34
C ARG A 304 21.73 -1.09 10.19
N GLN A 305 21.87 -0.55 8.98
CA GLN A 305 21.62 0.89 8.88
C GLN A 305 20.13 1.24 8.64
N SER A 306 19.20 0.39 9.07
CA SER A 306 17.78 0.64 8.91
C SER A 306 17.07 0.54 10.25
N SER A 307 16.17 1.50 10.54
CA SER A 307 15.32 1.46 11.71
C SER A 307 13.91 0.94 11.39
N HIS A 308 13.81 0.11 10.37
CA HIS A 308 12.55 -0.42 9.95
C HIS A 308 12.06 -1.47 10.95
N PRO A 309 10.75 -1.66 11.05
CA PRO A 309 10.21 -2.77 11.83
C PRO A 309 10.86 -4.09 11.48
N GLY A 310 11.36 -4.79 12.49
CA GLY A 310 11.86 -6.12 12.28
C GLY A 310 13.09 -6.23 11.41
N ALA A 311 13.78 -5.10 11.19
CA ALA A 311 15.06 -5.10 10.48
C ALA A 311 16.16 -5.72 11.33
N ARG A 312 16.38 -5.20 12.54
CA ARG A 312 17.41 -5.71 13.43
C ARG A 312 17.37 -7.24 13.51
N LEU A 313 16.16 -7.80 13.54
CA LEU A 313 16.02 -9.25 13.62
C LEU A 313 16.49 -9.92 12.33
N ARG A 314 16.17 -9.34 11.16
CA ARG A 314 16.74 -9.87 9.93
C ARG A 314 18.26 -9.78 9.94
N ALA A 315 18.82 -8.71 10.53
CA ALA A 315 20.27 -8.58 10.63
C ALA A 315 20.88 -9.74 11.41
N ILE A 316 20.40 -9.98 12.64
CA ILE A 316 20.92 -11.14 13.40
C ILE A 316 20.80 -12.40 12.58
N ARG A 317 19.65 -12.60 11.93
CA ARG A 317 19.49 -13.84 11.18
C ARG A 317 20.49 -13.94 10.03
N SER A 318 20.83 -12.80 9.41
CA SER A 318 21.80 -12.81 8.32
C SER A 318 23.22 -13.07 8.80
N LEU A 319 23.61 -12.47 9.92
CA LEU A 319 24.91 -12.79 10.47
C LEU A 319 25.02 -14.28 10.77
N GLU A 320 23.95 -14.86 11.31
CA GLU A 320 23.93 -16.30 11.53
C GLU A 320 24.13 -17.04 10.21
N ARG A 321 23.34 -16.67 9.19
CA ARG A 321 23.45 -17.31 7.89
C ARG A 321 24.82 -17.09 7.28
N GLY A 322 25.47 -15.96 7.57
CA GLY A 322 26.81 -15.69 7.10
C GLY A 322 27.91 -16.32 7.91
N GLU A 323 27.56 -17.30 8.77
CA GLU A 323 28.51 -18.03 9.61
C GLU A 323 29.34 -17.06 10.45
N ARG A 324 28.63 -16.22 11.20
CA ARG A 324 29.22 -15.12 11.96
C ARG A 324 28.51 -15.05 13.31
N PHE A 325 28.77 -16.05 14.14
CA PHE A 325 27.96 -16.26 15.34
C PHE A 325 28.28 -15.31 16.47
N ALA A 326 29.55 -14.90 16.66
CA ALA A 326 29.85 -14.01 17.77
C ALA A 326 29.19 -12.65 17.57
N GLU A 327 29.22 -12.16 16.33
CA GLU A 327 28.57 -10.89 16.05
C GLU A 327 27.07 -11.01 16.21
N ALA A 328 26.49 -12.09 15.70
CA ALA A 328 25.05 -12.30 15.77
C ALA A 328 24.59 -12.41 17.23
N HIS A 329 25.25 -13.27 18.01
CA HIS A 329 24.99 -13.36 19.44
C HIS A 329 25.08 -12.00 20.07
N ALA A 330 26.18 -11.28 19.80
CA ALA A 330 26.34 -9.94 20.33
C ALA A 330 25.12 -9.09 20.06
N LEU A 331 24.68 -9.08 18.80
CA LEU A 331 23.55 -8.26 18.40
C LEU A 331 22.26 -8.73 19.04
N ALA A 332 22.10 -10.03 19.20
CA ALA A 332 20.88 -10.53 19.82
C ALA A 332 20.85 -10.14 21.29
N ARG A 333 21.99 -10.19 21.97
CA ARG A 333 21.99 -9.81 23.37
C ARG A 333 21.77 -8.31 23.52
N GLU A 334 22.25 -7.52 22.55
CA GLU A 334 21.91 -6.11 22.52
C GLU A 334 20.41 -5.95 22.33
N ALA A 335 19.82 -6.83 21.52
CA ALA A 335 18.41 -6.69 21.19
C ALA A 335 17.52 -6.99 22.38
N SER A 336 17.76 -8.12 23.08
CA SER A 336 16.83 -8.54 24.13
C SER A 336 16.88 -7.61 25.34
N CYS A 337 17.79 -6.64 25.35
CA CYS A 337 17.77 -5.60 26.38
C CYS A 337 16.51 -4.75 26.25
N ALA A 338 16.27 -4.15 25.07
CA ALA A 338 15.05 -3.37 24.80
C ALA A 338 14.51 -3.68 23.42
N PRO A 339 13.62 -4.65 23.31
CA PRO A 339 13.09 -5.02 21.99
C PRO A 339 12.27 -3.90 21.36
N GLU A 340 12.35 -3.82 20.03
CA GLU A 340 11.57 -2.83 19.29
C GLU A 340 10.07 -3.09 19.40
N SER A 341 9.68 -4.32 19.66
CA SER A 341 8.32 -4.75 19.40
C SER A 341 8.11 -6.11 20.04
N ASP A 342 6.84 -6.51 20.15
CA ASP A 342 6.54 -7.88 20.56
C ASP A 342 7.07 -8.87 19.54
N ALA A 343 6.90 -8.55 18.25
CA ALA A 343 7.30 -9.47 17.21
C ALA A 343 8.81 -9.74 17.28
N GLU A 344 9.57 -8.80 17.84
CA GLU A 344 11.02 -8.97 17.97
C GLU A 344 11.37 -9.91 19.12
N ARG A 345 10.66 -9.77 20.26
CA ARG A 345 10.83 -10.71 21.36
C ARG A 345 10.54 -12.12 20.88
N GLN A 346 9.37 -12.31 20.26
CA GLN A 346 8.94 -13.65 19.88
C GLN A 346 10.03 -14.43 19.16
N GLY A 347 10.77 -13.75 18.26
CA GLY A 347 11.72 -14.36 17.35
C GLY A 347 13.12 -14.35 17.89
N LEU A 348 13.39 -13.43 18.82
CA LEU A 348 14.57 -13.54 19.68
C LEU A 348 14.54 -14.83 20.48
N ALA A 349 13.38 -15.18 21.06
CA ALA A 349 13.25 -16.44 21.79
C ALA A 349 13.66 -17.66 20.96
N ARG A 350 13.61 -17.58 19.64
CA ARG A 350 14.16 -18.64 18.80
C ARG A 350 15.65 -18.46 18.55
N LEU A 351 16.07 -17.25 18.18
CA LEU A 351 17.46 -17.03 17.83
C LEU A 351 18.41 -17.29 18.99
N LEU A 352 18.17 -16.59 20.11
CA LEU A 352 19.14 -16.57 21.20
C LEU A 352 19.60 -17.96 21.61
N PRO A 353 18.71 -18.97 21.84
CA PRO A 353 19.22 -20.32 22.11
C PRO A 353 20.13 -20.80 21.00
N ARG A 354 19.61 -20.82 19.77
CA ARG A 354 20.36 -21.35 18.64
C ARG A 354 21.77 -20.78 18.60
N LEU A 355 21.90 -19.49 18.92
CA LEU A 355 23.20 -18.81 18.90
C LEU A 355 24.05 -19.20 20.12
N GLN A 356 23.47 -19.22 21.32
CA GLN A 356 24.20 -19.73 22.48
C GLN A 356 24.76 -21.11 22.19
N GLY A 357 23.94 -21.99 21.64
CA GLY A 357 24.40 -23.27 21.16
C GLY A 357 25.63 -23.10 20.29
N LYS A 358 25.49 -22.36 19.19
CA LYS A 358 26.61 -22.26 18.27
C LYS A 358 27.85 -21.57 18.85
N LEU A 359 27.82 -21.04 20.08
CA LEU A 359 29.06 -20.56 20.70
C LEU A 359 29.57 -21.50 21.77
N GLY A 360 28.98 -22.68 21.90
CA GLY A 360 29.39 -23.60 22.92
C GLY A 360 28.97 -23.22 24.32
N LEU A 361 27.96 -22.34 24.46
CA LEU A 361 27.42 -22.03 25.78
C LEU A 361 26.32 -23.04 26.12
N PRO A 362 26.26 -23.47 27.38
CA PRO A 362 25.24 -24.44 27.80
C PRO A 362 23.84 -23.97 27.44
N ARG A 363 23.00 -24.94 27.08
CA ARG A 363 21.62 -24.64 26.76
C ARG A 363 20.81 -24.48 28.04
N GLN A 364 19.67 -23.83 27.91
CA GLN A 364 19.02 -23.22 29.05
C GLN A 364 17.57 -23.70 29.17
N ALA A 365 17.09 -23.74 30.40
CA ALA A 365 15.75 -24.22 30.68
C ALA A 365 14.70 -23.21 30.26
N ARG A 366 13.49 -23.71 30.04
CA ARG A 366 12.34 -22.92 29.62
C ARG A 366 11.09 -23.79 29.83
N ALA A 367 9.93 -23.16 29.76
CA ALA A 367 8.66 -23.87 29.73
C ALA A 367 8.17 -23.93 28.28
N ALA A 368 7.26 -24.87 28.02
CA ALA A 368 6.81 -25.09 26.67
C ALA A 368 5.78 -24.02 26.29
N ALA A 369 5.45 -23.94 25.00
CA ALA A 369 4.41 -23.02 24.51
C ALA A 369 3.12 -23.31 25.27
N PRO A 370 2.45 -22.31 25.86
CA PRO A 370 1.28 -22.60 26.70
C PRO A 370 0.25 -23.36 25.90
N GLU A 371 -0.48 -24.24 26.58
CA GLU A 371 -1.32 -25.22 25.90
C GLU A 371 -2.16 -24.54 24.83
N ILE A 372 -1.86 -24.82 23.56
CA ILE A 372 -2.76 -24.48 22.47
C ILE A 372 -4.09 -25.17 22.72
N ASP A 373 -5.16 -24.38 22.74
CA ASP A 373 -6.51 -24.87 23.04
C ASP A 373 -7.06 -25.62 21.82
N ARG A 374 -6.72 -26.89 21.72
CA ARG A 374 -6.82 -27.61 20.46
C ARG A 374 -8.18 -28.28 20.32
N LEU A 375 -8.75 -28.20 19.12
CA LEU A 375 -10.02 -28.82 18.79
C LEU A 375 -9.94 -29.43 17.40
N ASP A 376 -10.17 -30.74 17.29
CA ASP A 376 -10.01 -31.45 16.02
C ASP A 376 -11.36 -31.73 15.37
N LEU A 377 -11.35 -31.84 14.04
CA LEU A 377 -12.53 -32.18 13.24
C LEU A 377 -12.13 -32.96 12.01
N CYS A 378 -12.57 -34.21 11.93
CA CYS A 378 -12.58 -34.96 10.68
C CYS A 378 -13.78 -34.47 9.86
N LEU A 379 -13.59 -34.28 8.56
CA LEU A 379 -14.69 -33.69 7.79
C LEU A 379 -14.79 -34.30 6.40
N ALA A 380 -16.03 -34.30 5.89
CA ALA A 380 -16.31 -34.75 4.54
C ALA A 380 -15.37 -34.07 3.55
N PHE A 381 -14.89 -34.82 2.56
CA PHE A 381 -14.08 -34.21 1.51
C PHE A 381 -15.00 -33.38 0.61
N PRO A 382 -14.71 -32.07 0.43
CA PRO A 382 -15.65 -31.00 0.06
C PRO A 382 -16.86 -31.45 -0.82
N SER A 383 -16.83 -31.79 -2.12
CA SER A 383 -15.85 -31.46 -3.16
C SER A 383 -16.65 -31.36 -4.44
N GLU A 384 -16.39 -30.39 -5.32
CA GLU A 384 -15.25 -29.44 -5.32
C GLU A 384 -15.08 -28.51 -4.12
N PRO A 385 -13.85 -27.98 -3.90
CA PRO A 385 -13.61 -27.01 -2.80
C PRO A 385 -14.27 -25.66 -3.12
N CYS A 386 -14.87 -24.90 -2.19
CA CYS A 386 -15.05 -25.12 -0.73
C CYS A 386 -13.73 -25.12 0.05
N SER A 387 -13.30 -23.91 0.39
CA SER A 387 -12.18 -23.67 1.30
C SER A 387 -12.48 -24.26 2.67
N VAL A 388 -11.43 -24.39 3.48
CA VAL A 388 -11.54 -25.05 4.79
C VAL A 388 -12.40 -24.22 5.74
N GLU A 389 -12.16 -22.91 5.77
CA GLU A 389 -12.86 -22.04 6.71
C GLU A 389 -14.38 -21.99 6.44
N TRP A 390 -14.80 -22.21 5.19
CA TRP A 390 -16.23 -22.31 4.93
C TRP A 390 -16.76 -23.64 5.43
N ALA A 391 -15.98 -24.69 5.23
CA ALA A 391 -16.32 -26.02 5.75
C ALA A 391 -16.60 -25.96 7.25
N VAL A 392 -15.61 -25.50 8.01
CA VAL A 392 -15.79 -25.40 9.45
C VAL A 392 -16.90 -24.42 9.78
N ARG A 393 -16.95 -23.28 9.07
CA ARG A 393 -17.99 -22.31 9.35
C ARG A 393 -19.35 -22.98 9.33
N GLU A 394 -19.57 -23.89 8.37
CA GLU A 394 -20.85 -24.59 8.27
C GLU A 394 -20.99 -25.65 9.33
N HIS A 395 -19.93 -26.41 9.61
CA HIS A 395 -20.05 -27.45 10.62
C HIS A 395 -20.46 -26.87 11.96
N LEU A 396 -19.77 -25.81 12.41
CA LEU A 396 -20.07 -25.23 13.71
C LEU A 396 -21.33 -24.38 13.71
N GLU A 397 -21.95 -24.15 12.55
CA GLU A 397 -23.21 -23.42 12.44
C GLU A 397 -24.32 -24.44 12.58
N GLU A 398 -24.96 -24.42 13.74
CA GLU A 398 -26.07 -25.27 14.12
C GLU A 398 -27.23 -24.34 14.43
N PRO A 399 -28.42 -24.86 14.73
CA PRO A 399 -29.45 -23.99 15.29
C PRO A 399 -29.04 -23.50 16.67
N GLY A 400 -29.24 -22.20 16.90
CA GLY A 400 -28.88 -21.55 18.13
C GLY A 400 -27.48 -20.99 18.15
N CYS A 401 -26.75 -21.08 17.04
CA CYS A 401 -25.33 -20.76 17.02
C CYS A 401 -24.96 -20.17 15.68
N ALA A 402 -24.49 -18.92 15.68
CA ALA A 402 -24.18 -18.19 14.46
C ALA A 402 -22.67 -18.06 14.28
N VAL A 403 -22.17 -18.53 13.15
CA VAL A 403 -20.74 -18.49 12.88
C VAL A 403 -20.46 -17.50 11.74
N HIS A 404 -19.40 -16.72 11.90
CA HIS A 404 -19.01 -15.70 10.93
C HIS A 404 -17.52 -15.81 10.61
N TYR A 405 -17.22 -15.65 9.34
CA TYR A 405 -15.86 -15.65 8.84
C TYR A 405 -15.42 -14.19 8.74
N VAL A 406 -14.47 -13.80 9.58
CA VAL A 406 -14.16 -12.38 9.76
C VAL A 406 -12.67 -12.07 9.84
N GLU A 407 -11.87 -12.95 10.44
CA GLU A 407 -10.40 -12.83 10.45
C GLU A 407 -9.95 -11.39 10.67
N ASN A 408 -10.21 -10.87 11.87
CA ASN A 408 -9.89 -9.50 12.30
C ASN A 408 -10.53 -8.36 11.47
N GLY A 409 -11.48 -8.64 10.57
CA GLY A 409 -12.34 -7.56 10.10
C GLY A 409 -13.26 -7.04 11.17
N LEU A 410 -13.72 -7.91 12.07
CA LEU A 410 -14.72 -7.49 13.04
C LEU A 410 -14.14 -6.61 14.14
N ILE A 411 -12.93 -6.92 14.60
CA ILE A 411 -12.42 -6.19 15.74
C ILE A 411 -11.85 -4.86 15.29
N ASN A 412 -11.01 -4.88 14.23
CA ASN A 412 -10.58 -3.62 13.65
C ASN A 412 -11.79 -2.76 13.29
N SER A 413 -12.89 -3.37 12.82
CA SER A 413 -14.07 -2.58 12.50
C SER A 413 -14.65 -1.89 13.73
N LEU A 414 -14.94 -2.64 14.81
CA LEU A 414 -15.53 -1.99 15.98
C LEU A 414 -14.60 -0.91 16.55
N PHE A 415 -13.28 -1.12 16.47
CA PHE A 415 -12.36 -0.06 16.86
C PHE A 415 -12.45 1.15 15.94
N GLY A 416 -12.57 0.94 14.65
CA GLY A 416 -12.66 2.08 13.78
C GLY A 416 -13.91 2.88 14.02
N LEU A 417 -15.01 2.20 14.30
CA LEU A 417 -16.27 2.89 14.49
C LEU A 417 -16.27 3.68 15.79
N LEU A 418 -15.89 3.03 16.89
CA LEU A 418 -15.86 3.75 18.15
C LEU A 418 -15.04 5.02 18.04
N CYS A 419 -13.83 4.91 17.48
CA CYS A 419 -12.82 5.94 17.63
C CYS A 419 -12.70 6.80 16.38
N TRP A 420 -13.73 6.77 15.54
CA TRP A 420 -13.75 7.53 14.31
C TRP A 420 -13.28 8.97 14.53
N GLU A 421 -14.04 9.72 15.32
CA GLU A 421 -13.77 11.15 15.44
C GLU A 421 -12.41 11.43 16.03
N ALA A 422 -11.76 10.41 16.61
CA ALA A 422 -10.34 10.52 16.94
C ALA A 422 -9.49 10.39 15.70
N ILE A 423 -9.71 9.32 14.93
CA ILE A 423 -8.92 9.07 13.73
C ILE A 423 -9.04 10.24 12.77
N PHE A 424 -10.26 10.69 12.55
CA PHE A 424 -10.54 11.80 11.64
C PHE A 424 -10.62 13.15 12.37
N ALA A 425 -9.96 13.26 13.52
CA ALA A 425 -9.76 14.56 14.12
C ALA A 425 -8.86 15.39 13.22
N ALA A 426 -9.05 16.71 13.22
CA ALA A 426 -8.33 17.59 12.28
C ALA A 426 -7.03 18.13 12.91
N ILE A 427 -6.13 17.20 13.23
CA ILE A 427 -4.86 17.51 13.89
C ILE A 427 -3.90 18.15 12.88
N PRO A 428 -3.23 19.28 13.22
CA PRO A 428 -2.37 19.99 12.25
C PRO A 428 -1.46 19.10 11.40
N GLY A 429 -1.56 19.26 10.08
CA GLY A 429 -0.79 18.51 9.11
C GLY A 429 -1.33 17.13 8.77
N ALA A 430 -2.39 16.68 9.43
CA ALA A 430 -2.78 15.28 9.27
C ALA A 430 -3.71 15.03 8.09
N PHE A 431 -4.50 16.03 7.68
CA PHE A 431 -5.29 15.97 6.45
C PHE A 431 -5.02 17.20 5.60
N PHE A 432 -4.99 17.03 4.25
CA PHE A 432 -4.70 18.16 3.35
C PHE A 432 -5.16 17.96 1.90
N HIS A 433 -6.19 17.16 1.63
CA HIS A 433 -6.98 17.21 0.42
C HIS A 433 -8.25 16.40 0.68
N PRO A 434 -9.22 16.43 -0.22
CA PRO A 434 -10.45 15.68 0.06
C PRO A 434 -10.39 14.18 -0.20
N PHE A 435 -9.22 13.58 -0.38
CA PHE A 435 -9.16 12.18 -0.81
C PHE A 435 -8.35 11.30 0.14
N HIS A 436 -8.35 11.63 1.43
CA HIS A 436 -7.65 10.85 2.42
C HIS A 436 -8.53 9.70 2.91
N SER A 437 -8.02 8.47 2.83
CA SER A 437 -8.63 7.36 3.55
C SER A 437 -8.18 7.28 4.99
N ALA A 438 -7.10 7.98 5.35
CA ALA A 438 -6.47 7.83 6.65
C ALA A 438 -5.62 9.06 6.93
N PRO A 439 -5.52 9.47 8.19
CA PRO A 439 -4.62 10.56 8.53
C PRO A 439 -3.20 10.18 8.19
N ALA A 440 -2.44 11.14 7.64
CA ALA A 440 -1.09 10.87 7.18
C ALA A 440 -0.13 10.45 8.29
N ASP A 441 -0.47 10.64 9.57
CA ASP A 441 0.39 10.28 10.69
C ASP A 441 -0.12 9.02 11.42
N LEU A 442 -0.80 8.13 10.70
CA LEU A 442 -1.36 6.94 11.32
C LEU A 442 -0.27 5.97 11.78
N HIS A 443 0.78 5.79 10.98
CA HIS A 443 1.84 4.90 11.40
C HIS A 443 2.92 5.61 12.18
N SER A 444 2.83 6.93 12.31
CA SER A 444 3.64 7.70 13.24
C SER A 444 3.53 7.15 14.66
N ALA A 445 4.66 7.15 15.38
CA ALA A 445 4.66 6.63 16.74
C ALA A 445 4.07 7.62 17.75
N ASP A 446 3.97 8.90 17.40
CA ASP A 446 3.33 9.87 18.27
C ASP A 446 1.84 10.01 17.97
N PHE A 447 1.27 9.05 17.24
CA PHE A 447 -0.11 9.16 16.81
C PHE A 447 -1.07 9.11 18.00
N ARG A 448 -0.89 8.14 18.88
CA ARG A 448 -1.69 8.08 20.11
C ARG A 448 -1.64 9.41 20.85
N GLN A 449 -0.41 9.80 21.22
CA GLN A 449 -0.14 11.02 21.99
C GLN A 449 -0.94 12.21 21.48
N ARG A 450 -0.78 12.55 20.19
CA ARG A 450 -1.34 13.77 19.63
C ARG A 450 -2.84 13.88 19.84
N ARG A 451 -3.49 12.74 20.09
CA ARG A 451 -4.94 12.67 20.18
C ARG A 451 -5.41 12.17 21.53
N ALA A 452 -4.49 11.86 22.45
CA ALA A 452 -4.80 11.18 23.71
C ALA A 452 -6.04 11.74 24.40
N ALA A 453 -6.24 13.05 24.25
CA ALA A 453 -7.49 13.71 24.64
C ALA A 453 -8.71 12.97 24.09
N LEU A 454 -8.80 12.85 22.77
CA LEU A 454 -9.95 12.26 22.09
C LEU A 454 -9.95 10.73 22.08
N PHE A 455 -8.80 10.10 22.32
CA PHE A 455 -8.79 8.65 22.45
C PHE A 455 -9.25 8.19 23.83
N GLU A 456 -8.94 8.95 24.88
CA GLU A 456 -9.56 8.62 26.16
C GLU A 456 -11.05 8.98 26.15
N ALA A 457 -11.42 10.04 25.45
CA ALA A 457 -12.84 10.37 25.31
C ALA A 457 -13.60 9.26 24.60
N CYS A 458 -12.99 8.67 23.55
CA CYS A 458 -13.69 7.67 22.75
C CYS A 458 -13.66 6.28 23.38
N LEU A 459 -12.52 5.84 23.89
CA LEU A 459 -12.51 4.56 24.61
C LEU A 459 -13.27 4.65 25.93
N GLY A 460 -13.39 5.86 26.50
CA GLY A 460 -14.13 6.03 27.74
C GLY A 460 -15.58 5.60 27.62
N ARG A 461 -16.16 5.74 26.42
CA ARG A 461 -17.53 5.33 26.16
C ARG A 461 -17.75 3.84 26.36
N LEU A 462 -16.69 3.08 26.62
CA LEU A 462 -16.83 1.67 26.91
C LEU A 462 -17.25 1.45 28.36
N GLU A 463 -16.77 2.32 29.26
CA GLU A 463 -16.99 2.15 30.69
C GLU A 463 -18.43 2.48 31.11
N ASP A 464 -19.09 3.41 30.42
CA ASP A 464 -20.53 3.63 30.54
C ASP A 464 -21.28 2.58 29.69
N GLY A 465 -22.57 2.80 29.44
CA GLY A 465 -23.34 1.92 28.58
C GLY A 465 -23.44 2.39 27.14
N SER A 466 -22.87 3.56 26.85
CA SER A 466 -23.15 4.34 25.66
C SER A 466 -22.47 3.83 24.40
N TYR A 467 -21.52 2.90 24.53
CA TYR A 467 -20.75 2.46 23.37
C TYR A 467 -21.62 1.74 22.33
N ARG A 468 -22.56 0.91 22.79
CA ARG A 468 -23.49 0.27 21.87
C ARG A 468 -24.12 1.28 20.92
N ASP A 469 -24.78 2.30 21.51
CA ASP A 469 -25.51 3.30 20.72
C ASP A 469 -24.57 4.12 19.85
N ALA A 470 -23.45 4.59 20.42
CA ALA A 470 -22.51 5.41 19.64
C ALA A 470 -22.03 4.67 18.41
N ILE A 471 -21.79 3.37 18.53
CA ILE A 471 -21.37 2.59 17.38
C ILE A 471 -22.52 2.40 16.40
N ARG A 472 -23.75 2.20 16.87
CA ARG A 472 -24.83 2.01 15.89
C ARG A 472 -25.10 3.30 15.11
N CYS A 473 -24.97 4.46 15.76
CA CYS A 473 -25.06 5.74 15.08
C CYS A 473 -23.93 5.90 14.05
N ARG A 474 -22.68 5.75 14.50
CA ARG A 474 -21.54 5.87 13.58
C ARG A 474 -21.62 4.86 12.43
N TYR A 475 -22.18 3.67 12.65
CA TYR A 475 -22.38 2.71 11.56
C TYR A 475 -23.37 3.26 10.56
N ARG A 476 -24.45 3.90 11.03
CA ARG A 476 -25.43 4.43 10.08
C ARG A 476 -24.87 5.61 9.28
N ASP A 477 -24.29 6.61 9.98
CA ASP A 477 -23.77 7.81 9.32
C ASP A 477 -22.61 7.49 8.38
N LYS A 478 -21.52 6.95 8.93
CA LYS A 478 -20.29 6.86 8.17
C LYS A 478 -20.27 5.72 7.15
N PHE A 479 -21.41 5.10 6.82
CA PHE A 479 -21.34 3.89 6.02
C PHE A 479 -20.73 4.18 4.65
N GLY A 480 -19.91 3.23 4.19
CA GLY A 480 -19.29 3.26 2.88
C GLY A 480 -18.11 4.20 2.76
N LEU A 481 -17.80 4.98 3.81
CA LEU A 481 -16.67 5.90 3.79
C LEU A 481 -15.33 5.16 3.80
N GLN A 482 -14.48 5.44 2.80
CA GLN A 482 -13.11 4.95 2.82
C GLN A 482 -12.48 5.28 4.16
N SER A 483 -11.91 4.25 4.80
CA SER A 483 -11.34 4.37 6.13
C SER A 483 -10.26 3.31 6.27
N PRO A 484 -9.41 3.43 7.26
CA PRO A 484 -8.32 2.46 7.39
C PRO A 484 -8.72 1.20 8.16
N PHE A 485 -9.77 1.26 8.98
CA PHE A 485 -10.08 0.22 9.93
C PHE A 485 -11.42 -0.50 9.74
N VAL A 486 -12.39 0.11 9.09
CA VAL A 486 -13.74 -0.45 9.00
C VAL A 486 -13.92 -1.18 7.69
N TYR A 487 -14.54 -2.36 7.74
CA TYR A 487 -14.71 -3.27 6.60
C TYR A 487 -16.20 -3.39 6.30
N TRP A 488 -16.80 -2.40 5.61
CA TRP A 488 -18.26 -2.33 5.57
C TRP A 488 -18.91 -3.55 4.90
N GLU A 489 -18.22 -4.15 3.93
CA GLU A 489 -18.79 -5.28 3.21
C GLU A 489 -19.01 -6.44 4.16
N LEU A 490 -17.98 -6.76 4.94
CA LEU A 490 -18.01 -7.84 5.92
C LEU A 490 -19.01 -7.58 7.06
N LEU A 491 -19.21 -6.32 7.44
CA LEU A 491 -19.91 -5.97 8.67
C LEU A 491 -21.39 -5.67 8.41
N GLY A 492 -22.15 -6.75 8.19
CA GLY A 492 -23.59 -6.70 8.02
C GLY A 492 -24.32 -6.24 9.27
N GLU A 493 -25.65 -6.16 9.23
CA GLU A 493 -26.33 -5.73 10.45
C GLU A 493 -26.44 -6.88 11.44
N GLU A 494 -26.66 -8.11 10.95
CA GLU A 494 -26.76 -9.25 11.86
C GLU A 494 -25.48 -9.40 12.66
N LEU A 495 -24.34 -9.37 11.96
CA LEU A 495 -23.06 -9.48 12.63
C LEU A 495 -22.84 -8.36 13.63
N LEU A 496 -23.16 -7.13 13.25
CA LEU A 496 -22.93 -6.01 14.16
C LEU A 496 -23.82 -6.12 15.39
N GLU A 497 -25.08 -6.51 15.21
CA GLU A 497 -25.97 -6.64 16.37
C GLU A 497 -25.48 -7.74 17.29
N GLN A 498 -25.31 -8.94 16.74
CA GLN A 498 -24.88 -10.09 17.55
C GLN A 498 -23.58 -9.79 18.26
N ALA A 499 -22.58 -9.31 17.53
CA ALA A 499 -21.32 -8.97 18.14
C ALA A 499 -21.49 -7.91 19.21
N LEU A 500 -22.41 -6.98 18.99
CA LEU A 500 -22.59 -5.92 19.94
C LEU A 500 -23.07 -6.48 21.26
N ASP A 501 -24.11 -7.29 21.21
CA ASP A 501 -24.71 -7.79 22.43
C ASP A 501 -23.97 -8.98 23.04
N CYS A 502 -22.97 -9.53 22.34
CA CYS A 502 -22.26 -10.71 22.82
C CYS A 502 -20.83 -10.44 23.26
N LEU A 503 -20.23 -9.36 22.81
CA LEU A 503 -18.83 -9.12 23.14
C LEU A 503 -18.76 -8.21 24.35
N PRO A 504 -18.14 -8.65 25.44
CA PRO A 504 -18.04 -7.80 26.63
C PRO A 504 -17.16 -6.59 26.35
N ALA A 505 -17.39 -5.51 27.11
CA ALA A 505 -16.60 -4.30 26.92
C ALA A 505 -15.20 -4.39 27.52
N ALA A 506 -14.96 -5.26 28.49
CA ALA A 506 -13.60 -5.34 29.05
C ALA A 506 -12.65 -6.00 28.07
N HIS A 507 -13.14 -7.00 27.34
CA HIS A 507 -12.37 -7.60 26.26
C HIS A 507 -12.09 -6.59 25.15
N LEU A 508 -13.08 -5.74 24.82
CA LEU A 508 -12.88 -4.69 23.81
C LEU A 508 -11.80 -3.70 24.25
N ARG A 509 -11.88 -3.18 25.47
CA ARG A 509 -10.80 -2.33 25.95
C ARG A 509 -9.47 -3.05 25.81
N ALA A 510 -9.42 -4.33 26.19
CA ALA A 510 -8.19 -5.10 26.09
C ALA A 510 -7.67 -5.15 24.64
N TRP A 511 -8.58 -5.18 23.67
CA TRP A 511 -8.15 -5.28 22.28
C TRP A 511 -7.75 -3.94 21.71
N PHE A 512 -8.61 -2.93 21.85
CA PHE A 512 -8.34 -1.64 21.26
C PHE A 512 -7.06 -1.05 21.81
N GLU A 513 -6.75 -1.33 23.08
CA GLU A 513 -5.47 -0.90 23.63
C GLU A 513 -4.31 -1.58 22.90
N ARG A 514 -4.43 -2.89 22.62
CA ARG A 514 -3.36 -3.62 21.95
C ARG A 514 -3.15 -3.12 20.52
N LEU A 515 -4.24 -2.91 19.78
CA LEU A 515 -4.12 -2.40 18.43
C LEU A 515 -3.51 -1.01 18.41
N LEU A 516 -4.01 -0.12 19.27
CA LEU A 516 -3.40 1.20 19.39
C LEU A 516 -1.89 1.12 19.65
N GLU A 517 -1.44 0.15 20.47
CA GLU A 517 -0.03 0.05 20.82
C GLU A 517 0.89 0.03 19.58
N ASP A 518 0.69 -0.94 18.65
CA ASP A 518 1.57 -1.10 17.47
C ASP A 518 0.73 -1.38 16.24
N ILE A 519 0.06 -0.33 15.76
CA ILE A 519 -0.97 -0.44 14.72
C ILE A 519 -0.53 -1.35 13.59
N PRO A 520 0.61 -1.15 12.91
CA PRO A 520 0.90 -2.03 11.76
C PRO A 520 1.28 -3.45 12.14
N GLY A 521 1.62 -3.72 13.39
CA GLY A 521 1.95 -5.10 13.71
C GLY A 521 0.80 -5.90 14.29
N ASN A 522 -0.21 -5.21 14.78
CA ASN A 522 -1.29 -5.81 15.55
C ASN A 522 -2.64 -5.56 14.89
N ARG A 523 -2.71 -5.61 13.59
CA ARG A 523 -3.99 -5.64 12.92
C ARG A 523 -4.10 -6.95 12.18
N ALA A 524 -3.19 -7.86 12.47
CA ALA A 524 -2.80 -8.89 11.55
C ALA A 524 -3.36 -10.25 11.89
N GLY A 525 -3.10 -10.76 13.10
CA GLY A 525 -3.23 -12.19 13.29
C GLY A 525 -4.45 -12.74 14.01
N LEU A 526 -5.65 -12.11 13.89
CA LEU A 526 -6.80 -12.56 14.66
C LEU A 526 -7.50 -13.73 13.96
N PRO A 527 -8.20 -14.56 14.72
CA PRO A 527 -8.64 -15.86 14.19
C PRO A 527 -9.76 -15.78 13.15
N ASP A 528 -9.65 -16.65 12.13
CA ASP A 528 -10.62 -16.78 11.06
C ASP A 528 -12.05 -16.53 11.53
N LEU A 529 -12.58 -17.41 12.37
CA LEU A 529 -14.01 -17.41 12.64
C LEU A 529 -14.30 -16.81 14.00
N ILE A 530 -15.55 -16.36 14.13
CA ILE A 530 -16.12 -16.01 15.43
C ILE A 530 -17.50 -16.63 15.47
N GLN A 531 -17.76 -17.44 16.48
CA GLN A 531 -19.12 -17.94 16.67
C GLN A 531 -19.72 -17.28 17.89
N PHE A 532 -21.01 -16.93 17.78
CA PHE A 532 -21.80 -16.37 18.85
C PHE A 532 -22.94 -17.30 19.19
N TRP A 533 -23.22 -17.42 20.49
CA TRP A 533 -24.43 -18.05 20.96
C TRP A 533 -25.33 -16.94 21.49
N PRO A 534 -26.15 -16.31 20.64
CA PRO A 534 -26.86 -15.09 21.06
C PRO A 534 -27.74 -15.30 22.27
N ALA A 535 -28.15 -16.55 22.50
CA ALA A 535 -28.92 -16.99 23.67
C ALA A 535 -28.26 -16.61 25.00
N GLN A 536 -26.96 -16.86 25.12
CA GLN A 536 -26.25 -16.63 26.37
C GLN A 536 -25.28 -15.46 26.29
N ARG A 537 -25.32 -14.69 25.18
CA ARG A 537 -24.45 -13.53 24.97
C ARG A 537 -22.98 -13.89 25.20
N ARG A 538 -22.54 -14.98 24.56
CA ARG A 538 -21.20 -15.51 24.70
C ARG A 538 -20.61 -15.80 23.32
N TYR A 539 -19.29 -15.81 23.22
CA TYR A 539 -18.64 -16.01 21.93
C TYR A 539 -17.43 -16.93 22.08
N ARG A 540 -16.87 -17.28 20.93
CA ARG A 540 -15.60 -18.01 20.89
C ARG A 540 -15.04 -17.88 19.49
N MET A 541 -13.82 -17.40 19.38
CA MET A 541 -13.17 -17.26 18.09
C MET A 541 -12.40 -18.52 17.80
N VAL A 542 -12.35 -18.91 16.53
CA VAL A 542 -11.73 -20.18 16.17
C VAL A 542 -10.87 -19.94 14.94
N GLU A 543 -9.57 -20.14 15.09
CA GLU A 543 -8.64 -20.09 13.96
C GLU A 543 -8.57 -21.50 13.37
N VAL A 544 -9.03 -21.63 12.13
CA VAL A 544 -9.02 -22.89 11.42
C VAL A 544 -7.66 -23.08 10.76
N LYS A 545 -7.05 -24.25 10.96
CA LYS A 545 -5.83 -24.65 10.26
C LYS A 545 -6.09 -25.95 9.52
N GLY A 546 -5.88 -25.92 8.21
CA GLY A 546 -6.14 -27.06 7.35
C GLY A 546 -5.01 -28.05 7.33
N PRO A 547 -5.04 -28.99 6.37
CA PRO A 547 -3.99 -30.03 6.33
C PRO A 547 -2.65 -29.45 5.92
N GLY A 548 -1.66 -29.60 6.79
CA GLY A 548 -0.36 -28.98 6.56
C GLY A 548 -0.40 -27.47 6.61
N ASP A 549 -1.10 -26.90 7.59
CA ASP A 549 -1.08 -25.47 7.85
C ASP A 549 -0.85 -25.26 9.33
N ARG A 550 0.04 -24.33 9.68
CA ARG A 550 0.41 -24.10 11.07
C ARG A 550 0.36 -22.62 11.40
N LEU A 551 0.25 -22.34 12.70
CA LEU A 551 0.07 -20.99 13.22
C LEU A 551 1.21 -20.07 12.82
N GLN A 552 0.87 -18.95 12.21
CA GLN A 552 1.90 -17.97 11.89
C GLN A 552 2.20 -17.13 13.14
N ASP A 553 3.23 -16.30 13.06
CA ASP A 553 3.80 -15.70 14.27
C ASP A 553 2.87 -14.68 14.91
N ASN A 554 2.29 -13.78 14.11
CA ASN A 554 1.31 -12.80 14.62
C ASN A 554 0.14 -13.50 15.28
N GLN A 555 -0.35 -14.58 14.65
CA GLN A 555 -1.43 -15.39 15.21
C GLN A 555 -1.06 -15.93 16.58
N LEU A 556 0.13 -16.53 16.70
CA LEU A 556 0.57 -17.07 17.99
C LEU A 556 0.64 -15.97 19.05
N ARG A 557 1.10 -14.78 18.67
CA ARG A 557 1.10 -13.66 19.61
C ARG A 557 -0.32 -13.33 20.06
N TRP A 558 -1.27 -13.44 19.15
CA TRP A 558 -2.62 -13.09 19.53
C TRP A 558 -3.22 -14.10 20.49
N LEU A 559 -2.99 -15.40 20.24
CA LEU A 559 -3.49 -16.45 21.13
C LEU A 559 -2.89 -16.33 22.53
N GLN A 560 -1.58 -16.11 22.60
CA GLN A 560 -0.95 -15.83 23.89
C GLN A 560 -1.67 -14.70 24.62
N PHE A 561 -1.82 -13.54 23.96
CA PHE A 561 -2.56 -12.43 24.58
C PHE A 561 -3.95 -12.83 25.05
N CYS A 562 -4.59 -13.75 24.34
CA CYS A 562 -5.99 -14.05 24.69
C CYS A 562 -6.08 -14.99 25.87
N ARG A 563 -5.36 -16.11 25.84
CA ARG A 563 -5.39 -16.96 27.01
C ARG A 563 -4.76 -16.29 28.23
N GLU A 564 -4.22 -15.07 28.10
CA GLU A 564 -3.82 -14.35 29.32
C GLU A 564 -4.93 -13.48 29.93
N ARG A 565 -5.95 -13.13 29.17
CA ARG A 565 -7.16 -12.49 29.70
C ARG A 565 -8.32 -13.47 29.83
N GLU A 566 -8.05 -14.78 29.69
CA GLU A 566 -9.08 -15.82 29.67
C GLU A 566 -10.23 -15.47 28.72
N MET A 567 -9.87 -15.11 27.52
CA MET A 567 -10.72 -14.91 26.37
C MET A 567 -10.91 -16.23 25.62
N PRO A 568 -12.13 -16.52 25.19
CA PRO A 568 -12.40 -17.77 24.48
C PRO A 568 -11.82 -17.84 23.08
N VAL A 569 -10.62 -18.38 22.91
CA VAL A 569 -10.10 -18.72 21.61
C VAL A 569 -9.85 -20.22 21.57
N ALA A 570 -9.70 -20.74 20.36
CA ALA A 570 -9.52 -22.17 20.12
C ALA A 570 -8.98 -22.36 18.71
N VAL A 571 -7.98 -23.23 18.56
CA VAL A 571 -7.45 -23.56 17.25
C VAL A 571 -8.05 -24.87 16.80
N CYS A 572 -8.58 -24.90 15.58
CA CYS A 572 -9.26 -26.06 15.01
C CYS A 572 -8.42 -26.65 13.88
N TYR A 573 -7.96 -27.87 14.08
CA TYR A 573 -7.19 -28.57 13.07
C TYR A 573 -8.09 -29.54 12.32
N VAL A 574 -8.04 -29.47 10.99
CA VAL A 574 -8.96 -30.23 10.15
C VAL A 574 -8.18 -31.26 9.35
N ARG A 575 -8.53 -32.54 9.50
CA ARG A 575 -8.25 -33.61 8.56
C ARG A 575 -9.46 -33.77 7.64
N TRP A 576 -9.25 -34.42 6.50
CA TRP A 576 -10.39 -34.79 5.67
C TRP A 576 -10.69 -36.28 5.83
N HIS A 577 -11.84 -36.69 5.29
CA HIS A 577 -12.25 -38.08 5.36
C HIS A 577 -12.86 -38.47 4.03
N VAL A 578 -12.11 -39.23 3.23
CA VAL A 578 -12.64 -39.87 2.03
C VAL A 578 -13.12 -41.25 2.41
N ASP A 579 -14.31 -41.61 1.96
CA ASP A 579 -14.80 -42.98 2.15
C ASP A 579 -14.18 -43.85 1.07
N ASP A 580 -13.29 -44.74 1.47
CA ASP A 580 -12.57 -45.59 0.54
C ASP A 580 -13.55 -46.47 -0.24
MN MN E . -6.90 -17.17 7.54
MN MN F . -6.31 -19.71 9.08
#